data_7ODW
#
_entry.id   7ODW
#
_cell.length_a   1.00
_cell.length_b   1.00
_cell.length_c   1.00
_cell.angle_alpha   90.00
_cell.angle_beta   90.00
_cell.angle_gamma   90.00
#
_symmetry.space_group_name_H-M   'P 1'
#
_entity_poly.entity_id   1
_entity_poly.type   'polypeptide(L)'
_entity_poly.pdbx_seq_one_letter_code
;MDLLKRHLAPIVPDAWSAIDEEAKEIFQGHLAGRKLVDFRGPFGWEYAAVNTGELRPIDDTPEDVDMKLRQVQPLAEVRV
PFTLDVTELDSVARGATNPDLDDVARAAERMVEAEDSAIFHGWAQAGIKGIVDSTPHEALAVASVSDFPRAVLSAADTLR
KAGVTGPYALVLGPKAYDDLFAATQDGYPVAKQVQRLVVDGPLVRANALAGALVMSMRGGDYELTVGQDLSIGYAFHDRS
KVELFVAESFTFRVLEPGAAVHLRYA
;
_entity_poly.pdbx_strand_id   A
#
# COMPACT_ATOMS: atom_id res chain seq x y z
N ASP A 2 -11.21 1.05 -22.03
CA ASP A 2 -11.06 0.07 -23.11
C ASP A 2 -9.62 -0.36 -23.23
N LEU A 3 -8.76 0.20 -22.38
CA LEU A 3 -7.37 -0.23 -22.37
C LEU A 3 -7.20 -1.61 -21.79
N LEU A 4 -8.21 -2.11 -21.08
CA LEU A 4 -8.15 -3.46 -20.54
C LEU A 4 -8.60 -4.52 -21.54
N LYS A 5 -9.28 -4.10 -22.61
CA LYS A 5 -9.68 -5.00 -23.69
C LYS A 5 -10.43 -6.22 -23.17
N ARG A 6 -11.29 -6.01 -22.19
CA ARG A 6 -11.92 -7.15 -21.54
C ARG A 6 -12.96 -7.81 -22.42
N HIS A 7 -13.59 -7.06 -23.31
CA HIS A 7 -14.62 -7.65 -24.16
C HIS A 7 -14.03 -8.59 -25.21
N LEU A 8 -12.72 -8.63 -25.38
CA LEU A 8 -12.09 -9.54 -26.31
C LEU A 8 -11.77 -10.89 -25.70
N ALA A 9 -12.01 -11.07 -24.42
CA ALA A 9 -11.61 -12.30 -23.79
C ALA A 9 -12.69 -13.37 -23.97
N PRO A 10 -12.30 -14.62 -24.12
CA PRO A 10 -13.27 -15.73 -24.19
C PRO A 10 -13.77 -16.12 -22.80
N ILE A 11 -14.38 -15.15 -22.12
CA ILE A 11 -14.79 -15.31 -20.73
C ILE A 11 -16.22 -14.84 -20.59
N VAL A 12 -17.07 -15.68 -20.01
CA VAL A 12 -18.46 -15.34 -19.81
C VAL A 12 -18.57 -14.28 -18.73
N PRO A 13 -19.61 -13.46 -18.71
CA PRO A 13 -19.69 -12.38 -17.70
C PRO A 13 -19.63 -12.88 -16.28
N ASP A 14 -20.22 -14.02 -15.98
CA ASP A 14 -20.18 -14.53 -14.61
C ASP A 14 -18.77 -14.92 -14.20
N ALA A 15 -17.98 -15.44 -15.12
CA ALA A 15 -16.59 -15.72 -14.79
C ALA A 15 -15.81 -14.43 -14.58
N TRP A 16 -16.14 -13.38 -15.33
CA TRP A 16 -15.54 -12.08 -15.06
C TRP A 16 -15.88 -11.61 -13.65
N SER A 17 -17.13 -11.75 -13.25
CA SER A 17 -17.53 -11.37 -11.90
C SER A 17 -16.81 -12.21 -10.87
N ALA A 18 -16.64 -13.50 -11.13
CA ALA A 18 -15.93 -14.36 -10.19
C ALA A 18 -14.49 -13.90 -10.02
N ILE A 19 -13.81 -13.61 -11.13
CA ILE A 19 -12.42 -13.16 -11.04
C ILE A 19 -12.34 -11.83 -10.31
N ASP A 20 -13.26 -10.91 -10.63
CA ASP A 20 -13.27 -9.62 -9.97
C ASP A 20 -13.50 -9.74 -8.48
N GLU A 21 -14.43 -10.62 -8.08
CA GLU A 21 -14.68 -10.82 -6.66
C GLU A 21 -13.47 -11.42 -5.96
N GLU A 22 -12.84 -12.40 -6.59
CA GLU A 22 -11.66 -13.01 -6.00
C GLU A 22 -10.56 -11.97 -5.78
N ALA A 23 -10.37 -11.08 -6.75
CA ALA A 23 -9.34 -10.06 -6.59
C ALA A 23 -9.75 -9.01 -5.57
N LYS A 24 -11.01 -8.58 -5.60
CA LYS A 24 -11.46 -7.50 -4.75
C LYS A 24 -11.44 -7.89 -3.29
N GLU A 25 -11.76 -9.15 -2.99
CA GLU A 25 -11.71 -9.57 -1.59
C GLU A 25 -10.29 -9.48 -1.05
N ILE A 26 -9.30 -9.89 -1.85
CA ILE A 26 -7.91 -9.79 -1.40
C ILE A 26 -7.50 -8.33 -1.28
N PHE A 27 -7.93 -7.48 -2.21
CA PHE A 27 -7.54 -6.09 -2.14
C PHE A 27 -8.12 -5.40 -0.91
N GLN A 28 -9.39 -5.63 -0.59
CA GLN A 28 -9.93 -5.05 0.62
C GLN A 28 -9.43 -5.74 1.88
N GLY A 29 -8.87 -6.95 1.77
CA GLY A 29 -8.37 -7.59 2.97
C GLY A 29 -6.87 -7.56 3.13
N HIS A 30 -6.15 -6.87 2.26
CA HIS A 30 -4.70 -6.80 2.38
C HIS A 30 -4.11 -5.43 2.14
N LEU A 31 -4.87 -4.48 1.61
CA LEU A 31 -4.31 -3.17 1.32
C LEU A 31 -4.31 -2.29 2.56
N ALA A 32 -3.24 -2.37 3.36
CA ALA A 32 -3.12 -1.58 4.57
C ALA A 32 -2.74 -0.13 4.26
N GLY A 33 -1.94 0.08 3.23
CA GLY A 33 -1.51 1.42 2.89
C GLY A 33 -2.65 2.34 2.55
N ARG A 34 -3.63 1.83 1.79
CA ARG A 34 -4.71 2.68 1.32
C ARG A 34 -5.62 3.11 2.47
N LYS A 35 -5.49 2.46 3.63
CA LYS A 35 -6.38 2.76 4.75
C LYS A 35 -5.75 3.70 5.77
N LEU A 36 -4.50 4.10 5.56
CA LEU A 36 -3.81 4.88 6.59
C LEU A 36 -3.06 6.10 6.06
N VAL A 37 -2.85 6.19 4.75
CA VAL A 37 -2.27 7.38 4.14
C VAL A 37 -3.37 8.14 3.43
N ASP A 38 -3.08 9.39 3.09
CA ASP A 38 -3.99 10.15 2.25
C ASP A 38 -4.02 9.53 0.86
N PHE A 39 -5.18 9.58 0.23
CA PHE A 39 -5.41 8.90 -1.04
C PHE A 39 -6.01 9.91 -2.01
N ARG A 40 -5.24 10.27 -3.04
CA ARG A 40 -5.78 11.13 -4.09
C ARG A 40 -6.41 10.25 -5.16
N GLY A 41 -7.68 10.53 -5.45
CA GLY A 41 -8.53 9.62 -6.18
C GLY A 41 -8.00 9.17 -7.51
N PRO A 42 -8.57 8.09 -8.04
CA PRO A 42 -8.12 7.58 -9.34
C PRO A 42 -8.35 8.62 -10.42
N PHE A 43 -7.26 9.01 -11.07
CA PHE A 43 -7.33 10.06 -12.07
C PHE A 43 -7.41 9.55 -13.51
N GLY A 44 -7.25 8.25 -13.71
CA GLY A 44 -7.38 7.68 -15.03
C GLY A 44 -6.04 7.28 -15.62
N TRP A 45 -6.10 6.84 -16.88
CA TRP A 45 -4.92 6.29 -17.53
C TRP A 45 -3.93 7.38 -17.95
N GLU A 46 -4.41 8.55 -18.35
CA GLU A 46 -3.53 9.55 -18.94
C GLU A 46 -2.98 10.52 -17.90
N TYR A 47 -3.20 10.27 -16.62
CA TYR A 47 -2.57 11.03 -15.56
C TYR A 47 -1.14 10.53 -15.36
N ALA A 48 -0.16 11.38 -15.61
CA ALA A 48 1.21 10.94 -15.77
C ALA A 48 2.08 11.17 -14.54
N ALA A 49 1.99 12.32 -13.89
CA ALA A 49 2.90 12.62 -12.81
C ALA A 49 2.22 13.50 -11.78
N VAL A 50 2.79 13.49 -10.58
CA VAL A 50 2.31 14.32 -9.48
C VAL A 50 3.13 15.60 -9.44
N ASN A 51 2.44 16.73 -9.41
CA ASN A 51 3.08 18.03 -9.33
C ASN A 51 3.50 18.28 -7.88
N THR A 52 4.80 18.18 -7.61
CA THR A 52 5.27 18.41 -6.26
C THR A 52 5.28 19.88 -5.87
N GLY A 53 5.43 20.78 -6.84
CA GLY A 53 5.40 22.20 -6.58
C GLY A 53 6.75 22.88 -6.42
N GLU A 54 7.82 22.12 -6.28
CA GLU A 54 9.13 22.72 -6.12
C GLU A 54 9.71 23.17 -7.46
N LEU A 55 10.83 23.88 -7.38
CA LEU A 55 11.57 24.33 -8.53
C LEU A 55 13.03 23.98 -8.33
N ARG A 56 13.70 23.68 -9.43
CA ARG A 56 15.11 23.35 -9.39
C ARG A 56 15.89 24.40 -10.17
N PRO A 57 16.97 24.94 -9.59
CA PRO A 57 17.74 25.97 -10.29
C PRO A 57 18.58 25.35 -11.40
N ILE A 58 18.43 25.88 -12.60
CA ILE A 58 19.18 25.41 -13.75
C ILE A 58 20.52 26.10 -13.79
N ASP A 59 21.58 25.31 -13.89
CA ASP A 59 22.92 25.86 -14.01
C ASP A 59 23.13 26.45 -15.39
N ASP A 60 24.23 27.19 -15.54
CA ASP A 60 24.71 27.70 -16.84
C ASP A 60 23.61 28.46 -17.58
N THR A 61 23.18 29.54 -16.92
CA THR A 61 22.14 30.39 -17.48
C THR A 61 22.65 31.83 -17.52
N PRO A 62 22.21 32.61 -18.50
CA PRO A 62 22.69 33.99 -18.62
C PRO A 62 22.24 34.84 -17.45
N GLU A 63 22.89 36.00 -17.31
CA GLU A 63 22.58 36.88 -16.19
C GLU A 63 21.26 37.61 -16.35
N ASP A 64 20.91 37.99 -17.57
CA ASP A 64 19.68 38.73 -17.80
C ASP A 64 18.44 37.86 -17.63
N VAL A 65 18.58 36.55 -17.47
CA VAL A 65 17.45 35.65 -17.34
C VAL A 65 17.68 34.75 -16.14
N ASP A 66 16.60 34.43 -15.43
CA ASP A 66 16.61 33.43 -14.38
C ASP A 66 15.71 32.28 -14.80
N MET A 67 16.26 31.07 -14.81
CA MET A 67 15.57 29.91 -15.35
C MET A 67 15.50 28.83 -14.29
N LYS A 68 14.31 28.29 -14.07
CA LYS A 68 14.09 27.21 -13.11
C LYS A 68 13.23 26.14 -13.75
N LEU A 69 13.46 24.90 -13.34
CA LEU A 69 12.74 23.75 -13.89
C LEU A 69 11.76 23.20 -12.86
N ARG A 70 10.52 22.99 -13.27
CA ARG A 70 9.55 22.40 -12.37
C ARG A 70 9.94 20.97 -12.03
N GLN A 71 9.52 20.53 -10.85
CA GLN A 71 9.81 19.18 -10.38
C GLN A 71 8.52 18.39 -10.29
N VAL A 72 8.54 17.16 -10.79
CA VAL A 72 7.37 16.29 -10.77
C VAL A 72 7.80 14.90 -10.33
N GLN A 73 6.81 14.11 -9.95
CA GLN A 73 7.02 12.71 -9.58
C GLN A 73 6.26 11.85 -10.57
N PRO A 74 6.93 11.24 -11.56
CA PRO A 74 6.20 10.44 -12.55
C PRO A 74 5.65 9.17 -11.93
N LEU A 75 4.42 8.83 -12.31
CA LEU A 75 3.78 7.63 -11.82
C LEU A 75 4.46 6.39 -12.39
N ALA A 76 4.27 5.27 -11.70
CA ALA A 76 4.75 3.99 -12.18
C ALA A 76 3.54 3.13 -12.56
N GLU A 77 3.60 2.52 -13.73
CA GLU A 77 2.57 1.62 -14.20
C GLU A 77 3.10 0.20 -14.08
N VAL A 78 2.39 -0.64 -13.35
CA VAL A 78 2.84 -1.99 -13.03
C VAL A 78 1.75 -2.97 -13.46
N ARG A 79 2.18 -4.03 -14.14
CA ARG A 79 1.31 -5.10 -14.59
C ARG A 79 1.90 -6.42 -14.14
N VAL A 80 1.10 -7.24 -13.49
CA VAL A 80 1.50 -8.60 -13.15
C VAL A 80 0.63 -9.56 -13.94
N PRO A 81 1.20 -10.39 -14.80
CA PRO A 81 0.39 -11.31 -15.59
C PRO A 81 0.02 -12.55 -14.80
N PHE A 82 -1.06 -13.20 -15.23
CA PHE A 82 -1.43 -14.51 -14.73
C PHE A 82 -2.25 -15.20 -15.81
N THR A 83 -2.48 -16.50 -15.61
CA THR A 83 -3.08 -17.32 -16.65
C THR A 83 -4.17 -18.19 -16.05
N LEU A 84 -5.27 -18.35 -16.79
CA LEU A 84 -6.38 -19.16 -16.35
C LEU A 84 -6.77 -20.17 -17.42
N ASP A 85 -7.38 -21.25 -16.99
CA ASP A 85 -7.86 -22.27 -17.90
C ASP A 85 -9.22 -21.89 -18.43
N VAL A 86 -9.40 -22.01 -19.75
CA VAL A 86 -10.67 -21.63 -20.35
C VAL A 86 -11.78 -22.57 -19.91
N THR A 87 -11.47 -23.86 -19.74
CA THR A 87 -12.49 -24.81 -19.30
C THR A 87 -12.97 -24.48 -17.90
N GLU A 88 -12.04 -24.13 -17.00
CA GLU A 88 -12.44 -23.76 -15.65
C GLU A 88 -13.36 -22.56 -15.66
N LEU A 89 -13.06 -21.58 -16.51
CA LEU A 89 -13.92 -20.40 -16.59
C LEU A 89 -15.25 -20.73 -17.24
N ASP A 90 -15.28 -21.69 -18.15
CA ASP A 90 -16.54 -22.12 -18.72
C ASP A 90 -17.42 -22.81 -17.68
N SER A 91 -16.79 -23.51 -16.73
CA SER A 91 -17.53 -24.23 -15.72
C SER A 91 -18.57 -23.34 -15.03
N VAL A 92 -18.21 -22.08 -14.76
CA VAL A 92 -19.13 -21.22 -14.05
C VAL A 92 -20.38 -20.93 -14.86
N ALA A 93 -20.32 -21.04 -16.18
CA ALA A 93 -21.53 -20.93 -16.98
C ALA A 93 -22.40 -22.17 -16.86
N ARG A 94 -21.83 -23.28 -16.44
CA ARG A 94 -22.56 -24.52 -16.21
C ARG A 94 -23.02 -24.66 -14.77
N GLY A 95 -22.94 -23.60 -13.99
CA GLY A 95 -23.41 -23.62 -12.61
C GLY A 95 -22.35 -23.82 -11.56
N ALA A 96 -21.11 -24.08 -11.95
CA ALA A 96 -20.05 -24.26 -10.97
C ALA A 96 -19.84 -22.97 -10.19
N THR A 97 -19.49 -23.11 -8.92
CA THR A 97 -19.31 -21.97 -8.03
C THR A 97 -17.92 -21.89 -7.43
N ASN A 98 -17.06 -22.85 -7.69
CA ASN A 98 -15.68 -22.82 -7.21
C ASN A 98 -14.71 -23.13 -8.33
N PRO A 99 -14.64 -22.27 -9.35
CA PRO A 99 -13.65 -22.48 -10.40
C PRO A 99 -12.25 -22.22 -9.87
N ASP A 100 -11.27 -22.84 -10.52
CA ASP A 100 -9.88 -22.72 -10.09
C ASP A 100 -9.37 -21.33 -10.44
N LEU A 101 -9.38 -20.43 -9.48
CA LEU A 101 -8.88 -19.06 -9.65
C LEU A 101 -7.67 -18.82 -8.76
N ASP A 102 -6.80 -19.84 -8.64
CA ASP A 102 -5.64 -19.69 -7.77
C ASP A 102 -4.69 -18.62 -8.28
N ASP A 103 -4.44 -18.58 -9.59
CA ASP A 103 -3.51 -17.60 -10.12
C ASP A 103 -4.05 -16.18 -9.96
N VAL A 104 -5.37 -16.01 -9.97
CA VAL A 104 -5.93 -14.70 -9.68
C VAL A 104 -5.50 -14.23 -8.30
N ALA A 105 -5.63 -15.11 -7.31
CA ALA A 105 -5.21 -14.75 -5.97
C ALA A 105 -3.71 -14.51 -5.89
N ARG A 106 -2.92 -15.34 -6.58
CA ARG A 106 -1.48 -15.15 -6.56
C ARG A 106 -1.10 -13.79 -7.12
N ALA A 107 -1.66 -13.43 -8.27
CA ALA A 107 -1.34 -12.14 -8.87
C ALA A 107 -1.84 -10.99 -8.01
N ALA A 108 -3.03 -11.13 -7.43
CA ALA A 108 -3.57 -10.05 -6.61
C ALA A 108 -2.68 -9.80 -5.39
N GLU A 109 -2.24 -10.87 -4.74
CA GLU A 109 -1.36 -10.69 -3.60
C GLU A 109 0.01 -10.18 -4.03
N ARG A 110 0.48 -10.55 -5.22
CA ARG A 110 1.74 -9.99 -5.72
C ARG A 110 1.63 -8.49 -5.92
N MET A 111 0.52 -8.02 -6.49
CA MET A 111 0.32 -6.59 -6.66
C MET A 111 0.21 -5.88 -5.32
N VAL A 112 -0.53 -6.48 -4.37
CA VAL A 112 -0.62 -5.90 -3.03
C VAL A 112 0.76 -5.79 -2.41
N GLU A 113 1.56 -6.84 -2.58
CA GLU A 113 2.92 -6.83 -2.07
C GLU A 113 3.72 -5.69 -2.68
N ALA A 114 3.64 -5.53 -3.99
CA ALA A 114 4.42 -4.48 -4.65
C ALA A 114 4.02 -3.11 -4.14
N GLU A 115 2.72 -2.81 -4.13
CA GLU A 115 2.29 -1.48 -3.74
C GLU A 115 2.59 -1.20 -2.27
N ASP A 116 2.33 -2.17 -1.39
CA ASP A 116 2.57 -1.93 0.03
C ASP A 116 4.05 -1.85 0.34
N SER A 117 4.88 -2.66 -0.32
CA SER A 117 6.31 -2.55 -0.11
C SER A 117 6.83 -1.21 -0.59
N ALA A 118 6.26 -0.70 -1.69
CA ALA A 118 6.60 0.66 -2.08
C ALA A 118 6.21 1.66 -1.01
N ILE A 119 4.98 1.57 -0.50
CA ILE A 119 4.50 2.56 0.46
C ILE A 119 5.34 2.56 1.72
N PHE A 120 5.72 1.40 2.21
CA PHE A 120 6.42 1.32 3.50
C PHE A 120 7.93 1.43 3.35
N HIS A 121 8.53 0.72 2.41
CA HIS A 121 9.97 0.61 2.31
C HIS A 121 10.50 1.09 0.96
N GLY A 122 9.69 1.81 0.20
CA GLY A 122 10.17 2.48 -0.98
C GLY A 122 10.32 1.59 -2.18
N TRP A 123 10.75 2.22 -3.27
CA TRP A 123 11.00 1.54 -4.53
C TRP A 123 12.00 2.39 -5.30
N ALA A 124 13.27 1.96 -5.31
CA ALA A 124 14.31 2.79 -5.91
C ALA A 124 14.11 2.95 -7.42
N GLN A 125 13.69 1.87 -8.09
CA GLN A 125 13.58 1.91 -9.54
C GLN A 125 12.56 2.96 -9.99
N ALA A 126 11.42 3.00 -9.33
CA ALA A 126 10.38 3.97 -9.65
C ALA A 126 10.62 5.32 -8.99
N GLY A 127 11.75 5.49 -8.30
CA GLY A 127 12.03 6.72 -7.61
C GLY A 127 11.02 7.03 -6.53
N ILE A 128 10.69 6.05 -5.71
CA ILE A 128 9.75 6.22 -4.62
C ILE A 128 10.46 5.91 -3.30
N LYS A 129 10.34 6.83 -2.34
CA LYS A 129 10.79 6.61 -0.97
C LYS A 129 9.56 6.42 -0.09
N GLY A 130 9.56 5.35 0.71
CA GLY A 130 8.45 5.03 1.56
C GLY A 130 8.53 5.70 2.92
N ILE A 131 7.60 5.32 3.79
CA ILE A 131 7.53 5.95 5.10
C ILE A 131 8.71 5.54 5.97
N VAL A 132 9.05 4.25 5.98
CA VAL A 132 10.10 3.78 6.87
C VAL A 132 11.46 4.29 6.44
N ASP A 133 11.78 4.17 5.16
CA ASP A 133 13.11 4.52 4.68
C ASP A 133 13.41 6.01 4.72
N SER A 134 12.40 6.85 4.97
CA SER A 134 12.59 8.30 4.90
C SER A 134 12.34 9.02 6.22
N THR A 135 11.93 8.33 7.27
CA THR A 135 11.77 9.07 8.51
C THR A 135 13.14 9.44 9.09
N PRO A 136 13.27 10.63 9.67
CA PRO A 136 14.57 11.07 10.18
C PRO A 136 14.89 10.57 11.57
N HIS A 137 13.89 10.27 12.38
CA HIS A 137 14.11 9.80 13.73
C HIS A 137 14.83 8.45 13.70
N GLU A 138 15.27 8.02 14.88
CA GLU A 138 15.83 6.69 15.02
C GLU A 138 14.77 5.73 15.55
N ALA A 139 14.74 4.53 14.98
CA ALA A 139 13.70 3.58 15.32
C ALA A 139 13.82 3.13 16.76
N LEU A 140 12.69 3.17 17.47
CA LEU A 140 12.67 2.70 18.86
C LEU A 140 12.90 1.20 18.90
N ALA A 141 13.43 0.73 20.02
CA ALA A 141 13.61 -0.70 20.25
C ALA A 141 12.54 -1.19 21.21
N VAL A 142 11.80 -2.21 20.78
CA VAL A 142 10.78 -2.83 21.61
C VAL A 142 11.29 -4.24 21.91
N ALA A 143 11.88 -4.42 23.10
CA ALA A 143 12.53 -5.68 23.43
C ALA A 143 11.53 -6.83 23.48
N SER A 144 10.37 -6.60 24.08
CA SER A 144 9.35 -7.63 24.22
C SER A 144 7.99 -7.02 23.93
N VAL A 145 6.99 -7.88 23.89
CA VAL A 145 5.64 -7.42 23.59
C VAL A 145 5.12 -6.52 24.70
N SER A 146 5.45 -6.83 25.95
CA SER A 146 5.07 -5.97 27.06
C SER A 146 5.70 -4.60 26.98
N ASP A 147 6.78 -4.45 26.20
CA ASP A 147 7.38 -3.13 25.98
C ASP A 147 6.54 -2.27 25.06
N PHE A 148 5.50 -2.83 24.44
CA PHE A 148 4.74 -2.07 23.45
C PHE A 148 4.08 -0.80 23.99
N PRO A 149 3.37 -0.82 25.14
CA PRO A 149 2.71 0.42 25.58
C PRO A 149 3.69 1.57 25.77
N ARG A 150 4.67 1.39 26.66
CA ARG A 150 5.58 2.48 26.98
C ARG A 150 6.30 2.97 25.74
N ALA A 151 6.85 2.05 24.95
CA ALA A 151 7.50 2.43 23.71
C ALA A 151 6.57 3.27 22.84
N VAL A 152 5.32 2.83 22.71
CA VAL A 152 4.36 3.59 21.91
C VAL A 152 4.26 5.01 22.42
N LEU A 153 4.15 5.18 23.74
CA LEU A 153 4.08 6.52 24.30
C LEU A 153 5.31 7.32 23.93
N SER A 154 6.49 6.70 24.05
CA SER A 154 7.72 7.37 23.66
C SER A 154 7.62 7.86 22.22
N ALA A 155 7.15 7.00 21.33
CA ALA A 155 6.98 7.40 19.93
C ALA A 155 6.12 8.64 19.84
N ALA A 156 4.97 8.64 20.52
CA ALA A 156 4.10 9.81 20.47
C ALA A 156 4.84 11.04 20.96
N ASP A 157 5.60 10.89 22.04
CA ASP A 157 6.38 12.02 22.54
C ASP A 157 7.29 12.56 21.45
N THR A 158 7.99 11.67 20.75
CA THR A 158 8.83 12.11 19.65
C THR A 158 8.04 12.96 18.68
N LEU A 159 6.87 12.47 18.27
CA LEU A 159 6.07 13.19 17.29
C LEU A 159 5.60 14.52 17.82
N ARG A 160 5.35 14.63 19.13
CA ARG A 160 4.97 15.92 19.69
C ARG A 160 6.17 16.85 19.77
N LYS A 161 7.36 16.30 20.03
CA LYS A 161 8.53 17.16 20.09
C LYS A 161 9.02 17.53 18.70
N ALA A 162 8.63 16.79 17.68
CA ALA A 162 8.97 17.11 16.30
C ALA A 162 7.92 18.01 15.64
N GLY A 163 6.89 18.40 16.39
CA GLY A 163 5.86 19.27 15.87
C GLY A 163 4.69 18.56 15.21
N VAL A 164 4.75 17.24 15.07
CA VAL A 164 3.70 16.49 14.40
C VAL A 164 2.62 16.16 15.41
N THR A 165 1.53 16.92 15.37
CA THR A 165 0.42 16.73 16.29
C THR A 165 -0.56 15.72 15.71
N GLY A 166 -1.76 15.63 16.27
CA GLY A 166 -2.80 14.81 15.73
C GLY A 166 -2.77 13.41 16.31
N PRO A 167 -3.90 12.71 16.22
CA PRO A 167 -3.97 11.34 16.74
C PRO A 167 -2.96 10.45 16.03
N TYR A 168 -2.36 9.55 16.81
CA TYR A 168 -1.30 8.69 16.31
C TYR A 168 -1.80 7.26 16.25
N ALA A 169 -1.66 6.65 15.08
CA ALA A 169 -2.05 5.27 14.87
C ALA A 169 -0.83 4.36 14.96
N LEU A 170 -1.07 3.15 15.45
CA LEU A 170 -0.05 2.12 15.52
C LEU A 170 -0.31 1.09 14.44
N VAL A 171 0.69 0.87 13.59
CA VAL A 171 0.62 -0.10 12.51
C VAL A 171 1.58 -1.24 12.85
N LEU A 172 1.14 -2.47 12.62
CA LEU A 172 1.86 -3.65 13.05
C LEU A 172 2.18 -4.56 11.88
N GLY A 173 3.42 -5.01 11.82
CA GLY A 173 3.80 -6.07 10.91
C GLY A 173 3.14 -7.36 11.35
N PRO A 174 3.13 -8.38 10.47
CA PRO A 174 2.41 -9.61 10.83
C PRO A 174 2.94 -10.26 12.09
N LYS A 175 4.27 -10.37 12.22
CA LYS A 175 4.87 -10.91 13.43
C LYS A 175 4.49 -10.07 14.64
N ALA A 176 4.63 -8.75 14.53
CA ALA A 176 4.31 -7.86 15.64
C ALA A 176 2.84 -7.94 16.01
N TYR A 177 1.96 -7.95 15.02
CA TYR A 177 0.53 -8.01 15.29
C TYR A 177 0.17 -9.32 16.00
N ASP A 178 0.68 -10.44 15.49
CA ASP A 178 0.37 -11.72 16.09
C ASP A 178 0.89 -11.80 17.53
N ASP A 179 2.13 -11.38 17.75
CA ASP A 179 2.71 -11.46 19.09
C ASP A 179 1.99 -10.53 20.05
N LEU A 180 1.61 -9.34 19.60
CA LEU A 180 0.91 -8.42 20.50
C LEU A 180 -0.47 -8.96 20.86
N PHE A 181 -1.22 -9.45 19.88
CA PHE A 181 -2.58 -9.88 20.19
C PHE A 181 -2.64 -11.25 20.84
N ALA A 182 -1.55 -12.01 20.81
CA ALA A 182 -1.50 -13.29 21.52
C ALA A 182 -0.91 -13.17 22.91
N ALA A 183 -0.53 -11.98 23.34
CA ALA A 183 0.22 -11.81 24.58
C ALA A 183 -0.67 -11.32 25.71
N THR A 184 -0.38 -11.81 26.92
CA THR A 184 -1.06 -11.38 28.13
C THR A 184 -0.01 -11.08 29.19
N GLN A 185 -0.24 -10.02 29.94
CA GLN A 185 0.65 -9.62 31.04
C GLN A 185 -0.08 -9.89 32.34
N ASP A 186 0.35 -10.92 33.07
CA ASP A 186 -0.32 -11.36 34.28
C ASP A 186 -1.81 -11.61 34.02
N GLY A 187 -2.10 -12.23 32.88
CA GLY A 187 -3.46 -12.49 32.46
C GLY A 187 -4.10 -11.35 31.69
N TYR A 188 -3.75 -10.12 32.01
CA TYR A 188 -4.33 -8.98 31.32
C TYR A 188 -3.71 -8.86 29.92
N PRO A 189 -4.53 -8.71 28.88
CA PRO A 189 -3.97 -8.63 27.52
C PRO A 189 -3.30 -7.29 27.27
N VAL A 190 -2.11 -7.35 26.68
CA VAL A 190 -1.39 -6.12 26.34
C VAL A 190 -2.15 -5.31 25.30
N ALA A 191 -2.83 -6.00 24.38
CA ALA A 191 -3.52 -5.31 23.29
C ALA A 191 -4.58 -4.35 23.81
N LYS A 192 -5.22 -4.67 24.93
CA LYS A 192 -6.22 -3.76 25.50
C LYS A 192 -5.57 -2.44 25.91
N GLN A 193 -4.47 -2.52 26.65
CA GLN A 193 -3.76 -1.31 27.06
C GLN A 193 -3.28 -0.52 25.85
N VAL A 194 -2.70 -1.21 24.88
CA VAL A 194 -2.17 -0.53 23.70
C VAL A 194 -3.29 0.18 22.95
N GLN A 195 -4.42 -0.49 22.77
CA GLN A 195 -5.55 0.12 22.09
C GLN A 195 -6.10 1.31 22.88
N ARG A 196 -6.04 1.25 24.21
CA ARG A 196 -6.40 2.41 25.00
C ARG A 196 -5.46 3.57 24.74
N LEU A 197 -4.19 3.27 24.44
CA LEU A 197 -3.20 4.34 24.25
C LEU A 197 -3.23 4.96 22.86
N VAL A 198 -3.98 4.40 21.91
CA VAL A 198 -3.90 4.87 20.52
C VAL A 198 -5.30 5.18 20.01
N VAL A 199 -5.40 5.49 18.71
CA VAL A 199 -6.68 5.83 18.11
C VAL A 199 -7.70 4.72 18.35
N ASP A 200 -8.98 5.12 18.38
CA ASP A 200 -10.07 4.20 18.71
C ASP A 200 -10.29 3.13 17.65
N GLY A 201 -9.82 3.32 16.43
CA GLY A 201 -9.99 2.34 15.39
C GLY A 201 -9.17 1.10 15.64
N PRO A 202 -9.56 -0.01 15.00
CA PRO A 202 -8.77 -1.24 15.13
C PRO A 202 -7.35 -1.04 14.62
N LEU A 203 -6.40 -1.68 15.30
CA LEU A 203 -5.01 -1.57 14.91
C LEU A 203 -4.81 -2.24 13.56
N VAL A 204 -4.06 -1.58 12.68
CA VAL A 204 -3.90 -2.06 11.31
C VAL A 204 -2.77 -3.09 11.27
N ARG A 205 -3.06 -4.22 10.66
CA ARG A 205 -2.05 -5.26 10.41
C ARG A 205 -1.53 -5.07 9.00
N ALA A 206 -0.23 -4.85 8.88
CA ALA A 206 0.42 -4.66 7.58
C ALA A 206 1.34 -5.83 7.32
N ASN A 207 1.09 -6.56 6.25
CA ASN A 207 1.93 -7.71 5.93
C ASN A 207 3.31 -7.29 5.48
N ALA A 208 3.42 -6.18 4.76
CA ALA A 208 4.68 -5.74 4.18
C ALA A 208 5.37 -4.68 5.03
N LEU A 209 5.28 -4.78 6.34
CA LEU A 209 5.90 -3.85 7.26
C LEU A 209 6.87 -4.58 8.16
N ALA A 210 8.11 -4.11 8.21
CA ALA A 210 9.11 -4.70 9.08
C ALA A 210 9.04 -4.05 10.46
N GLY A 211 8.83 -4.87 11.48
CA GLY A 211 8.58 -4.31 12.80
C GLY A 211 7.21 -3.65 12.83
N ALA A 212 7.15 -2.49 13.48
CA ALA A 212 5.92 -1.73 13.62
C ALA A 212 6.19 -0.27 13.35
N LEU A 213 5.14 0.54 13.46
CA LEU A 213 5.23 1.94 13.09
C LEU A 213 4.20 2.72 13.89
N VAL A 214 4.51 3.98 14.18
CA VAL A 214 3.53 4.93 14.72
C VAL A 214 3.49 6.10 13.77
N MET A 215 2.30 6.53 13.40
CA MET A 215 2.20 7.60 12.41
C MET A 215 1.04 8.51 12.72
N SER A 216 1.25 9.80 12.48
CA SER A 216 0.19 10.78 12.68
C SER A 216 -0.90 10.60 11.65
N MET A 217 -2.15 10.67 12.11
CA MET A 217 -3.31 10.62 11.24
C MET A 217 -4.01 11.98 11.15
N ARG A 218 -3.25 13.05 11.36
CA ARG A 218 -3.82 14.38 11.21
C ARG A 218 -4.11 14.71 9.75
N GLY A 219 -3.47 14.01 8.82
CA GLY A 219 -3.66 14.26 7.41
C GLY A 219 -2.60 15.17 6.85
N GLY A 220 -2.31 14.99 5.56
CA GLY A 220 -1.31 15.79 4.89
C GLY A 220 0.13 15.34 5.10
N ASP A 221 0.35 14.16 5.65
CA ASP A 221 1.69 13.68 5.91
C ASP A 221 2.22 12.73 4.85
N TYR A 222 1.36 11.89 4.30
CA TYR A 222 1.75 10.92 3.27
C TYR A 222 0.64 10.84 2.24
N GLU A 223 1.00 10.92 0.97
CA GLU A 223 0.01 11.01 -0.09
C GLU A 223 0.27 9.92 -1.11
N LEU A 224 -0.70 9.06 -1.33
CA LEU A 224 -0.65 8.06 -2.38
C LEU A 224 -1.54 8.52 -3.51
N THR A 225 -0.95 8.63 -4.70
CA THR A 225 -1.68 9.02 -5.89
C THR A 225 -1.86 7.79 -6.76
N VAL A 226 -3.10 7.55 -7.18
CA VAL A 226 -3.43 6.43 -8.04
C VAL A 226 -4.02 7.00 -9.32
N GLY A 227 -3.35 6.73 -10.44
CA GLY A 227 -3.87 7.15 -11.71
C GLY A 227 -4.95 6.21 -12.18
N GLN A 228 -4.56 4.96 -12.41
CA GLN A 228 -5.48 3.89 -12.74
C GLN A 228 -5.50 2.92 -11.57
N ASP A 229 -6.68 2.74 -10.98
CA ASP A 229 -6.80 1.86 -9.84
C ASP A 229 -6.56 0.41 -10.25
N LEU A 230 -6.52 -0.47 -9.26
CA LEU A 230 -6.29 -1.87 -9.52
C LEU A 230 -7.36 -2.42 -10.46
N SER A 231 -6.90 -3.01 -11.56
CA SER A 231 -7.83 -3.51 -12.57
C SER A 231 -7.33 -4.84 -13.09
N ILE A 232 -8.25 -5.62 -13.65
CA ILE A 232 -7.94 -6.86 -14.33
C ILE A 232 -8.20 -6.66 -15.81
N GLY A 233 -7.21 -6.99 -16.64
CA GLY A 233 -7.32 -6.80 -18.06
C GLY A 233 -6.91 -8.05 -18.81
N TYR A 234 -7.28 -8.10 -20.07
CA TYR A 234 -7.03 -9.24 -20.94
C TYR A 234 -5.84 -8.95 -21.83
N ALA A 235 -4.97 -9.94 -22.01
CA ALA A 235 -3.79 -9.78 -22.86
C ALA A 235 -3.86 -10.67 -24.09
N PHE A 236 -4.03 -11.97 -23.92
CA PHE A 236 -4.00 -12.91 -25.02
C PHE A 236 -4.72 -14.18 -24.57
N HIS A 237 -4.98 -15.06 -25.52
CA HIS A 237 -5.56 -16.34 -25.16
C HIS A 237 -5.25 -17.38 -26.23
N ASP A 238 -5.11 -18.61 -25.78
CA ASP A 238 -4.87 -19.78 -26.61
C ASP A 238 -6.16 -20.56 -26.76
N ARG A 239 -6.04 -21.75 -27.34
CA ARG A 239 -7.19 -22.65 -27.38
C ARG A 239 -7.63 -23.04 -25.99
N SER A 240 -6.70 -23.16 -25.05
CA SER A 240 -7.01 -23.64 -23.72
C SER A 240 -6.63 -22.69 -22.60
N LYS A 241 -5.72 -21.75 -22.84
CA LYS A 241 -5.16 -20.92 -21.79
C LYS A 241 -5.51 -19.48 -22.12
N VAL A 242 -5.81 -18.68 -21.11
CA VAL A 242 -6.10 -17.26 -21.32
C VAL A 242 -5.22 -16.44 -20.40
N GLU A 243 -4.56 -15.42 -20.94
CA GLU A 243 -3.62 -14.60 -20.19
C GLU A 243 -4.29 -13.28 -19.82
N LEU A 244 -4.31 -13.00 -18.53
CA LEU A 244 -4.81 -11.74 -18.01
C LEU A 244 -3.69 -11.06 -17.23
N PHE A 245 -3.98 -9.87 -16.73
CA PHE A 245 -3.02 -9.16 -15.91
C PHE A 245 -3.76 -8.31 -14.89
N VAL A 246 -3.08 -8.05 -13.80
CA VAL A 246 -3.51 -7.02 -12.86
C VAL A 246 -2.66 -5.78 -13.14
N ALA A 247 -3.33 -4.65 -13.28
CA ALA A 247 -2.68 -3.42 -13.69
C ALA A 247 -3.00 -2.30 -12.73
N GLU A 248 -2.01 -1.45 -12.46
CA GLU A 248 -2.20 -0.29 -11.62
C GLU A 248 -1.14 0.75 -11.91
N SER A 249 -1.54 2.02 -11.94
CA SER A 249 -0.63 3.14 -12.09
C SER A 249 -0.69 3.98 -10.82
N PHE A 250 0.44 4.10 -10.15
CA PHE A 250 0.46 4.74 -8.85
C PHE A 250 1.81 5.35 -8.56
N THR A 251 1.82 6.26 -7.59
CA THR A 251 3.05 6.74 -6.99
C THR A 251 2.75 7.16 -5.55
N PHE A 252 3.80 7.24 -4.75
CA PHE A 252 3.65 7.54 -3.33
C PHE A 252 4.64 8.61 -2.92
N ARG A 253 4.17 9.60 -2.16
CA ARG A 253 4.96 10.74 -1.76
C ARG A 253 4.97 10.88 -0.25
N VAL A 254 6.15 11.11 0.29
CA VAL A 254 6.35 11.40 1.71
C VAL A 254 6.39 12.91 1.85
N LEU A 255 5.25 13.52 2.18
CA LEU A 255 5.22 14.96 2.34
C LEU A 255 6.00 15.42 3.57
N GLU A 256 5.79 14.75 4.69
CA GLU A 256 6.45 15.10 5.95
C GLU A 256 7.18 13.88 6.49
N PRO A 257 8.47 13.75 6.22
CA PRO A 257 9.19 12.53 6.65
C PRO A 257 9.19 12.32 8.15
N GLY A 258 9.01 13.38 8.93
CA GLY A 258 9.10 13.25 10.37
C GLY A 258 7.79 12.97 11.05
N ALA A 259 6.79 12.54 10.27
CA ALA A 259 5.46 12.29 10.81
C ALA A 259 5.25 10.85 11.26
N ALA A 260 6.26 10.00 11.18
CA ALA A 260 6.12 8.63 11.61
C ALA A 260 7.44 8.12 12.17
N VAL A 261 7.33 7.22 13.14
CA VAL A 261 8.46 6.62 13.83
C VAL A 261 8.43 5.11 13.61
N HIS A 262 9.56 4.57 13.20
CA HIS A 262 9.73 3.13 13.08
C HIS A 262 9.92 2.51 14.45
N LEU A 263 9.49 1.26 14.60
CA LEU A 263 9.69 0.49 15.83
C LEU A 263 10.25 -0.85 15.42
N ARG A 264 11.42 -1.21 15.95
CA ARG A 264 11.97 -2.51 15.63
C ARG A 264 11.12 -3.61 16.25
N TYR A 265 11.17 -4.79 15.64
CA TYR A 265 10.14 -5.80 15.86
C TYR A 265 10.13 -6.30 17.30
N ALA A 266 8.95 -6.66 17.78
CA ALA A 266 8.78 -7.24 19.10
C ALA A 266 7.85 -8.44 19.03
#